data_2V0L
#
_entry.id   2V0L
#
_cell.length_a   108.720
_cell.length_b   108.720
_cell.length_c   326.754
_cell.angle_alpha   90.00
_cell.angle_beta   90.00
_cell.angle_gamma   120.00
#
_symmetry.space_group_name_H-M   'H 3 2'
#
loop_
_entity.id
_entity.type
_entity.pdbx_description
1 polymer 'BIFUNCTIONAL PROTEIN GLMU'
2 non-polymer URIDINE
3 non-polymer 'TETRAETHYLENE GLYCOL'
4 non-polymer 'TRIETHYLENE GLYCOL'
5 non-polymer 'SULFATE ION'
6 water water
#
_entity_poly.entity_id   1
_entity_poly.type   'polypeptide(L)'
_entity_poly.pdbx_seq_one_letter_code
;MTKKALSAVILAAGKGTRMYSDLPKVLHTIAGKPMVKHVIDTAHQLGSENIHLIYGHGGDLMRTHLANEQVNWVLQTEQL
GTAHAVQQAAPFFKDNENIVVLYGDAPLITKETLEKLIEAKPENGIALLTVNLDNPTGYGRIIRENGNVVAIVEQKDANA
EQLNIKEVNTGVMVSDGASFKKWLARVGNNNAQGEYYLTDLIALANQDNCQVVAVQATDVMEVEGANNRLQLAALERYFQ
NKQASKLLLEGVMIYDPARFDLRGTLEHGKDVEIDVNVIIEGNVKLGDRVKIGTGCVLKNVVIGNDVEIKPYSVLEDSIV
GEKAAIGPFSRLRPGAELAAETHVGNFVEIKKSTVGKGSKVNHLTYVGDSEIGSNCNIGAGVITCNYDGANKFKTIIGDD
VFVGSDTQLVAPVKVANGATIGAGTTITRDVGENELVITRVAQRHIQGWQRPIKKK
;
_entity_poly.pdbx_strand_id   A
#
loop_
_chem_comp.id
_chem_comp.type
_chem_comp.name
_chem_comp.formula
PG4 non-polymer 'TETRAETHYLENE GLYCOL' 'C8 H18 O5'
PGE non-polymer 'TRIETHYLENE GLYCOL' 'C6 H14 O4'
SO4 non-polymer 'SULFATE ION' 'O4 S -2'
URI non-polymer URIDINE 'C9 H12 N2 O6'
#
# COMPACT_ATOMS: atom_id res chain seq x y z
N LYS A 4 27.63 5.19 -15.29
CA LYS A 4 27.01 4.67 -16.53
C LYS A 4 25.54 4.28 -16.30
N ALA A 5 24.83 3.96 -17.38
CA ALA A 5 23.42 3.63 -17.31
C ALA A 5 23.19 2.34 -16.52
N LEU A 6 21.94 2.09 -16.18
CA LEU A 6 21.56 0.93 -15.38
C LEU A 6 20.22 0.38 -15.86
N SER A 7 20.11 -0.95 -15.88
CA SER A 7 18.82 -1.59 -16.05
C SER A 7 18.70 -2.71 -15.03
N ALA A 8 17.47 -3.18 -14.80
CA ALA A 8 17.23 -4.24 -13.83
C ALA A 8 16.55 -5.43 -14.49
N VAL A 9 16.81 -6.60 -13.92
CA VAL A 9 16.05 -7.80 -14.21
C VAL A 9 15.37 -8.26 -12.92
N ILE A 10 14.08 -8.54 -12.98
CA ILE A 10 13.35 -9.02 -11.80
C ILE A 10 12.79 -10.40 -12.10
N LEU A 11 13.22 -11.39 -11.30
CA LEU A 11 12.76 -12.76 -11.45
C LEU A 11 11.43 -12.95 -10.73
N ALA A 12 10.40 -13.31 -11.49
CA ALA A 12 9.03 -13.29 -10.98
C ALA A 12 8.16 -14.38 -11.57
N ALA A 13 8.78 -15.49 -12.01
CA ALA A 13 8.06 -16.52 -12.75
C ALA A 13 7.46 -17.62 -11.87
N GLY A 14 7.74 -17.57 -10.57
CA GLY A 14 7.44 -18.69 -9.69
C GLY A 14 5.96 -18.89 -9.37
N LYS A 15 5.58 -20.15 -9.25
CA LYS A 15 4.20 -20.54 -8.97
C LYS A 15 3.78 -20.27 -7.52
N GLY A 16 4.73 -20.33 -6.59
CA GLY A 16 4.44 -20.11 -5.18
C GLY A 16 3.49 -21.16 -4.62
N THR A 17 3.84 -22.42 -4.79
CA THR A 17 2.98 -23.53 -4.41
C THR A 17 2.60 -23.49 -2.93
N ARG A 18 3.54 -23.11 -2.07
CA ARG A 18 3.33 -23.18 -0.62
C ARG A 18 2.48 -22.02 -0.08
N MET A 19 2.08 -21.10 -0.97
CA MET A 19 1.09 -20.08 -0.63
C MET A 19 -0.32 -20.67 -0.71
N TYR A 20 -0.44 -21.84 -1.34
CA TYR A 20 -1.74 -22.47 -1.58
C TYR A 20 -2.78 -21.45 -2.08
N SER A 21 -2.46 -20.84 -3.21
CA SER A 21 -3.23 -19.75 -3.77
C SER A 21 -3.42 -19.91 -5.28
N ASP A 22 -4.45 -19.27 -5.81
CA ASP A 22 -4.67 -19.22 -7.25
C ASP A 22 -3.77 -18.17 -7.91
N LEU A 23 -3.18 -17.30 -7.10
CA LEU A 23 -2.25 -16.28 -7.60
C LEU A 23 -0.84 -16.83 -7.71
N PRO A 24 -0.06 -16.26 -8.62
CA PRO A 24 1.37 -16.57 -8.66
C PRO A 24 2.11 -15.94 -7.47
N LYS A 25 3.29 -16.45 -7.20
CA LYS A 25 4.05 -16.10 -5.99
C LYS A 25 4.16 -14.60 -5.71
N VAL A 26 4.58 -13.83 -6.70
CA VAL A 26 4.97 -12.44 -6.47
C VAL A 26 3.81 -11.44 -6.41
N LEU A 27 2.59 -11.89 -6.67
CA LEU A 27 1.43 -10.98 -6.63
C LEU A 27 0.84 -10.77 -5.24
N HIS A 28 1.18 -11.62 -4.28
CA HIS A 28 0.71 -11.47 -2.91
C HIS A 28 1.22 -10.15 -2.34
N THR A 29 0.37 -9.46 -1.59
CA THR A 29 0.66 -8.11 -1.17
C THR A 29 1.44 -7.99 0.12
N ILE A 30 2.24 -6.92 0.19
CA ILE A 30 2.81 -6.40 1.41
C ILE A 30 2.37 -4.95 1.48
N ALA A 31 1.76 -4.56 2.59
CA ALA A 31 1.25 -3.20 2.75
C ALA A 31 0.36 -2.79 1.58
N GLY A 32 -0.53 -3.69 1.16
CA GLY A 32 -1.49 -3.41 0.10
C GLY A 32 -0.98 -3.42 -1.34
N LYS A 33 0.31 -3.72 -1.54
CA LYS A 33 0.89 -3.70 -2.89
C LYS A 33 1.59 -5.02 -3.18
N PRO A 34 1.40 -5.57 -4.37
CA PRO A 34 2.07 -6.82 -4.75
C PRO A 34 3.56 -6.75 -4.47
N MET A 35 4.12 -7.84 -3.97
CA MET A 35 5.54 -7.88 -3.64
C MET A 35 6.38 -7.39 -4.82
N VAL A 36 6.05 -7.87 -6.02
CA VAL A 36 6.82 -7.50 -7.20
C VAL A 36 6.77 -6.00 -7.49
N LYS A 37 5.64 -5.37 -7.15
CA LYS A 37 5.48 -3.93 -7.33
C LYS A 37 6.48 -3.15 -6.47
N HIS A 38 6.73 -3.63 -5.24
CA HIS A 38 7.74 -3.01 -4.39
C HIS A 38 9.08 -3.02 -5.11
N VAL A 39 9.44 -4.16 -5.69
CA VAL A 39 10.75 -4.34 -6.31
C VAL A 39 10.87 -3.48 -7.57
N ILE A 40 9.82 -3.45 -8.39
CA ILE A 40 9.77 -2.57 -9.55
C ILE A 40 9.99 -1.11 -9.16
N ASP A 41 9.24 -0.63 -8.16
CA ASP A 41 9.36 0.75 -7.70
C ASP A 41 10.78 1.05 -7.27
N THR A 42 11.38 0.12 -6.54
CA THR A 42 12.73 0.32 -6.04
C THR A 42 13.73 0.37 -7.20
N ALA A 43 13.51 -0.46 -8.21
CA ALA A 43 14.35 -0.45 -9.39
C ALA A 43 14.22 0.89 -10.11
N HIS A 44 13.00 1.45 -10.13
CA HIS A 44 12.76 2.71 -10.82
C HIS A 44 13.47 3.87 -10.12
N GLN A 45 13.32 3.98 -8.81
CA GLN A 45 13.94 5.09 -8.08
C GLN A 45 15.47 4.95 -8.01
N LEU A 46 15.95 3.76 -8.31
CA LEU A 46 17.39 3.52 -8.46
C LEU A 46 17.93 4.17 -9.73
N GLY A 47 17.03 4.44 -10.69
CA GLY A 47 17.40 5.05 -11.95
C GLY A 47 17.43 4.07 -13.11
N SER A 48 16.76 2.94 -12.97
CA SER A 48 16.77 1.91 -14.02
C SER A 48 16.11 2.42 -15.30
N GLU A 49 16.83 2.28 -16.41
CA GLU A 49 16.29 2.69 -17.70
C GLU A 49 15.29 1.66 -18.23
N ASN A 50 15.66 0.39 -18.12
CA ASN A 50 14.75 -0.70 -18.47
C ASN A 50 14.56 -1.58 -17.23
N ILE A 51 13.39 -2.20 -17.13
CA ILE A 51 13.14 -3.19 -16.09
C ILE A 51 12.58 -4.41 -16.78
N HIS A 52 13.39 -5.47 -16.84
CA HIS A 52 13.00 -6.71 -17.49
C HIS A 52 12.34 -7.63 -16.48
N LEU A 53 11.04 -7.86 -16.68
CA LEU A 53 10.26 -8.68 -15.76
C LEU A 53 10.12 -10.09 -16.30
N ILE A 54 10.84 -11.02 -15.67
CA ILE A 54 10.75 -12.42 -16.06
C ILE A 54 9.53 -13.01 -15.38
N TYR A 55 8.52 -13.35 -16.16
CA TYR A 55 7.30 -13.93 -15.60
C TYR A 55 6.97 -15.24 -16.29
N GLY A 56 6.06 -16.01 -15.70
CA GLY A 56 5.66 -17.29 -16.23
C GLY A 56 4.34 -17.77 -15.67
N HIS A 57 4.38 -18.37 -14.49
CA HIS A 57 3.16 -18.85 -13.83
C HIS A 57 2.23 -17.70 -13.51
N GLY A 58 0.93 -17.93 -13.67
CA GLY A 58 -0.09 -16.92 -13.48
C GLY A 58 0.10 -15.74 -14.42
N GLY A 59 0.58 -16.01 -15.63
CA GLY A 59 0.89 -14.96 -16.59
C GLY A 59 -0.25 -13.98 -16.82
N ASP A 60 -1.46 -14.52 -17.02
CA ASP A 60 -2.65 -13.72 -17.24
C ASP A 60 -2.88 -12.77 -16.06
N LEU A 61 -2.74 -13.30 -14.85
CA LEU A 61 -2.97 -12.50 -13.64
C LEU A 61 -1.88 -11.45 -13.45
N MET A 62 -0.65 -11.79 -13.82
CA MET A 62 0.45 -10.84 -13.77
C MET A 62 0.15 -9.66 -14.70
N ARG A 63 -0.37 -9.96 -15.89
CA ARG A 63 -0.67 -8.92 -16.87
C ARG A 63 -1.82 -8.01 -16.44
N THR A 64 -2.88 -8.58 -15.88
CA THR A 64 -4.02 -7.79 -15.44
C THR A 64 -3.65 -6.96 -14.21
N HIS A 65 -2.95 -7.57 -13.25
CA HIS A 65 -2.59 -6.90 -12.01
C HIS A 65 -1.48 -5.84 -12.15
N LEU A 66 -0.61 -5.98 -13.15
CA LEU A 66 0.52 -5.05 -13.31
C LEU A 66 0.48 -4.36 -14.68
N ALA A 67 -0.72 -4.23 -15.24
CA ALA A 67 -0.90 -3.72 -16.60
C ALA A 67 -0.24 -2.37 -16.87
N ASN A 68 -0.23 -1.48 -15.89
CA ASN A 68 0.35 -0.16 -16.09
C ASN A 68 1.82 -0.02 -15.69
N GLU A 69 2.50 -1.12 -15.37
CA GLU A 69 3.90 -1.05 -14.99
C GLU A 69 4.80 -0.88 -16.21
N GLN A 70 5.80 -0.02 -16.08
CA GLN A 70 6.73 0.26 -17.16
C GLN A 70 7.85 -0.78 -17.14
N VAL A 71 7.52 -1.97 -17.63
CA VAL A 71 8.46 -3.09 -17.65
C VAL A 71 8.43 -3.78 -19.00
N ASN A 72 9.52 -4.49 -19.29
CA ASN A 72 9.60 -5.36 -20.45
C ASN A 72 9.14 -6.73 -20.03
N TRP A 73 8.08 -7.21 -20.66
CA TRP A 73 7.45 -8.47 -20.31
C TRP A 73 8.13 -9.66 -20.97
N VAL A 74 8.95 -10.36 -20.18
CA VAL A 74 9.77 -11.46 -20.68
C VAL A 74 9.24 -12.79 -20.17
N LEU A 75 8.50 -13.48 -21.02
CA LEU A 75 7.83 -14.72 -20.64
C LEU A 75 8.77 -15.92 -20.71
N GLN A 76 9.06 -16.50 -19.55
CA GLN A 76 9.89 -17.69 -19.43
C GLN A 76 8.98 -18.92 -19.41
N THR A 77 8.97 -19.67 -20.50
CA THR A 77 8.06 -20.82 -20.64
C THR A 77 8.40 -21.97 -19.69
N GLU A 78 9.66 -22.12 -19.32
CA GLU A 78 10.05 -23.12 -18.32
C GLU A 78 11.12 -22.59 -17.37
N GLN A 79 10.96 -22.91 -16.08
CA GLN A 79 11.89 -22.47 -15.05
C GLN A 79 13.07 -23.43 -14.96
N LEU A 80 14.10 -23.18 -15.77
CA LEU A 80 15.25 -24.08 -15.82
C LEU A 80 16.41 -23.56 -14.98
N GLY A 81 16.14 -22.56 -14.12
CA GLY A 81 17.15 -22.00 -13.24
C GLY A 81 17.28 -20.49 -13.34
N THR A 82 17.86 -19.86 -12.32
CA THR A 82 17.98 -18.42 -12.29
C THR A 82 18.85 -17.86 -13.43
N ALA A 83 19.85 -18.60 -13.88
CA ALA A 83 20.70 -18.17 -15.00
C ALA A 83 19.93 -18.16 -16.31
N HIS A 84 19.13 -19.19 -16.51
CA HIS A 84 18.22 -19.28 -17.65
C HIS A 84 17.25 -18.10 -17.65
N ALA A 85 16.70 -17.81 -16.47
CA ALA A 85 15.75 -16.72 -16.33
C ALA A 85 16.38 -15.40 -16.79
N VAL A 86 17.54 -15.07 -16.23
CA VAL A 86 18.21 -13.83 -16.59
C VAL A 86 18.59 -13.82 -18.07
N GLN A 87 18.97 -14.98 -18.60
CA GLN A 87 19.37 -15.07 -20.01
C GLN A 87 18.23 -14.76 -20.98
N GLN A 88 16.99 -14.94 -20.52
CA GLN A 88 15.83 -14.58 -21.34
C GLN A 88 15.81 -13.08 -21.67
N ALA A 89 16.31 -12.28 -20.74
CA ALA A 89 16.35 -10.84 -20.91
C ALA A 89 17.66 -10.33 -21.52
N ALA A 90 18.68 -11.18 -21.55
CA ALA A 90 20.03 -10.77 -21.96
C ALA A 90 20.15 -10.14 -23.36
N PRO A 91 19.38 -10.60 -24.34
CA PRO A 91 19.40 -9.97 -25.66
C PRO A 91 19.11 -8.47 -25.60
N PHE A 92 18.43 -8.02 -24.54
CA PHE A 92 18.04 -6.62 -24.41
C PHE A 92 19.02 -5.80 -23.57
N PHE A 93 20.05 -6.43 -23.01
CA PHE A 93 21.05 -5.71 -22.22
C PHE A 93 21.93 -4.87 -23.16
N LYS A 94 22.16 -3.62 -22.81
CA LYS A 94 23.18 -2.82 -23.48
C LYS A 94 24.54 -3.26 -22.97
N ASP A 95 25.49 -3.41 -23.87
CA ASP A 95 26.84 -3.85 -23.52
C ASP A 95 27.45 -3.06 -22.38
N ASN A 96 27.31 -1.73 -22.44
CA ASN A 96 27.98 -0.86 -21.48
C ASN A 96 27.05 -0.24 -20.44
N GLU A 97 25.93 -0.90 -20.17
CA GLU A 97 25.09 -0.52 -19.03
C GLU A 97 25.29 -1.55 -17.91
N ASN A 98 25.15 -1.10 -16.67
CA ASN A 98 25.12 -2.01 -15.54
C ASN A 98 23.76 -2.70 -15.46
N ILE A 99 23.76 -3.95 -15.00
CA ILE A 99 22.54 -4.72 -14.82
C ILE A 99 22.48 -5.24 -13.39
N VAL A 100 21.37 -4.98 -12.70
CA VAL A 100 21.16 -5.51 -11.36
C VAL A 100 20.07 -6.57 -11.40
N VAL A 101 20.33 -7.71 -10.76
CA VAL A 101 19.38 -8.82 -10.72
C VAL A 101 18.70 -8.87 -9.36
N LEU A 102 17.37 -8.81 -9.39
CA LEU A 102 16.56 -8.75 -8.18
C LEU A 102 15.51 -9.84 -8.23
N TYR A 103 14.89 -10.12 -7.09
CA TYR A 103 13.89 -11.17 -7.00
C TYR A 103 12.54 -10.60 -6.59
N GLY A 104 11.50 -11.01 -7.31
CA GLY A 104 10.17 -10.47 -7.14
C GLY A 104 9.53 -10.82 -5.81
N ASP A 105 10.05 -11.88 -5.16
CA ASP A 105 9.57 -12.33 -3.85
C ASP A 105 10.46 -11.86 -2.70
N ALA A 106 11.32 -10.88 -2.97
CA ALA A 106 12.14 -10.24 -1.94
C ALA A 106 11.92 -8.73 -2.00
N PRO A 107 10.81 -8.27 -1.45
CA PRO A 107 10.36 -6.89 -1.65
C PRO A 107 10.97 -5.82 -0.76
N LEU A 108 11.70 -6.21 0.29
CA LEU A 108 12.24 -5.24 1.25
C LEU A 108 13.60 -4.66 0.87
N ILE A 109 14.19 -5.16 -0.20
CA ILE A 109 15.49 -4.66 -0.63
C ILE A 109 15.42 -3.13 -0.87
N THR A 110 16.36 -2.39 -0.32
CA THR A 110 16.32 -0.93 -0.39
C THR A 110 17.23 -0.36 -1.48
N LYS A 111 16.84 0.84 -1.92
CA LYS A 111 17.59 1.64 -2.87
C LYS A 111 19.00 1.91 -2.37
N GLU A 112 19.11 2.22 -1.08
CA GLU A 112 20.38 2.60 -0.49
C GLU A 112 21.38 1.42 -0.49
N THR A 113 20.90 0.21 -0.19
CA THR A 113 21.77 -0.96 -0.25
C THR A 113 22.20 -1.24 -1.68
N LEU A 114 21.27 -1.08 -2.62
CA LEU A 114 21.54 -1.38 -4.01
C LEU A 114 22.47 -0.35 -4.65
N GLU A 115 22.44 0.88 -4.15
CA GLU A 115 23.37 1.93 -4.58
C GLU A 115 24.81 1.60 -4.16
N LYS A 116 24.99 1.15 -2.92
CA LYS A 116 26.30 0.67 -2.44
C LYS A 116 26.81 -0.47 -3.29
N LEU A 117 25.92 -1.42 -3.59
CA LEU A 117 26.27 -2.58 -4.38
C LEU A 117 26.78 -2.16 -5.76
N ILE A 118 26.04 -1.27 -6.42
CA ILE A 118 26.40 -0.82 -7.75
C ILE A 118 27.72 -0.05 -7.73
N GLU A 119 27.92 0.75 -6.70
CA GLU A 119 29.12 1.57 -6.56
C GLU A 119 30.37 0.72 -6.37
N ALA A 120 30.20 -0.44 -5.75
CA ALA A 120 31.32 -1.31 -5.41
C ALA A 120 31.76 -2.19 -6.59
N LYS A 121 30.97 -2.23 -7.64
CA LYS A 121 31.25 -3.10 -8.78
C LYS A 121 32.50 -2.65 -9.53
N PRO A 122 33.51 -3.49 -9.57
CA PRO A 122 34.73 -3.18 -10.34
C PRO A 122 34.50 -3.32 -11.84
N GLU A 123 35.28 -2.61 -12.64
CA GLU A 123 35.14 -2.68 -14.09
C GLU A 123 35.32 -4.11 -14.58
N ASN A 124 34.42 -4.52 -15.48
CA ASN A 124 34.39 -5.88 -16.04
C ASN A 124 34.22 -6.97 -14.98
N GLY A 125 33.81 -6.58 -13.78
CA GLY A 125 33.65 -7.51 -12.68
C GLY A 125 32.21 -7.64 -12.21
N ILE A 126 32.04 -8.19 -11.01
CA ILE A 126 30.73 -8.35 -10.39
C ILE A 126 30.74 -7.80 -8.96
N ALA A 127 29.64 -7.17 -8.55
CA ALA A 127 29.40 -6.88 -7.14
C ALA A 127 28.30 -7.80 -6.65
N LEU A 128 28.58 -8.56 -5.61
CA LEU A 128 27.67 -9.56 -5.09
C LEU A 128 27.16 -9.14 -3.72
N LEU A 129 25.84 -9.15 -3.55
CA LEU A 129 25.24 -8.82 -2.26
C LEU A 129 25.26 -10.05 -1.37
N THR A 130 25.89 -9.91 -0.20
CA THR A 130 25.96 -10.98 0.78
C THR A 130 25.26 -10.57 2.06
N VAL A 131 25.07 -11.54 2.94
CA VAL A 131 24.43 -11.28 4.23
C VAL A 131 24.99 -12.24 5.29
N ASN A 132 25.19 -11.73 6.50
CA ASN A 132 25.67 -12.56 7.60
C ASN A 132 24.50 -13.15 8.38
N LEU A 133 24.46 -14.47 8.43
CA LEU A 133 23.44 -15.20 9.17
C LEU A 133 24.06 -15.84 10.41
N ASP A 134 23.28 -16.00 11.47
CA ASP A 134 23.77 -16.65 12.68
C ASP A 134 23.78 -18.17 12.47
N ASN A 135 22.77 -18.66 11.76
CA ASN A 135 22.74 -20.06 11.32
C ASN A 135 22.72 -20.15 9.78
N PRO A 136 23.90 -20.22 9.18
CA PRO A 136 24.04 -20.21 7.72
C PRO A 136 23.83 -21.58 7.07
N THR A 137 23.37 -22.56 7.83
CA THR A 137 23.19 -23.91 7.31
C THR A 137 22.32 -23.90 6.06
N GLY A 138 22.80 -24.59 5.01
CA GLY A 138 22.06 -24.72 3.77
C GLY A 138 22.45 -23.71 2.70
N TYR A 139 23.12 -22.64 3.09
CA TYR A 139 23.42 -21.52 2.19
C TYR A 139 24.88 -21.54 1.75
N GLY A 140 25.14 -21.04 0.53
CA GLY A 140 26.48 -21.00 -0.01
C GLY A 140 27.37 -20.00 0.70
N ARG A 141 28.53 -20.44 1.18
CA ARG A 141 29.42 -19.59 1.96
C ARG A 141 30.31 -18.74 1.07
N ILE A 142 30.45 -17.48 1.43
CA ILE A 142 31.34 -16.57 0.74
C ILE A 142 32.78 -16.80 1.16
N ILE A 143 33.65 -17.05 0.19
CA ILE A 143 35.08 -17.25 0.44
C ILE A 143 35.84 -16.03 -0.04
N ARG A 144 36.37 -15.26 0.90
CA ARG A 144 37.14 -14.07 0.59
C ARG A 144 38.63 -14.39 0.60
N GLU A 145 39.31 -14.06 -0.50
CA GLU A 145 40.77 -14.05 -0.53
C GLU A 145 41.20 -12.63 -0.84
N ASN A 146 41.77 -11.98 0.16
CA ASN A 146 41.97 -10.53 0.14
C ASN A 146 40.62 -9.83 0.26
N GLY A 147 40.32 -8.89 -0.63
CA GLY A 147 39.03 -8.22 -0.63
C GLY A 147 38.13 -8.67 -1.78
N ASN A 148 38.30 -9.92 -2.21
CA ASN A 148 37.55 -10.46 -3.35
C ASN A 148 36.93 -11.83 -3.08
N VAL A 149 35.77 -12.09 -3.68
CA VAL A 149 35.13 -13.39 -3.59
C VAL A 149 35.68 -14.31 -4.67
N VAL A 150 36.26 -15.42 -4.25
CA VAL A 150 36.88 -16.37 -5.16
C VAL A 150 36.04 -17.65 -5.28
N ALA A 151 35.11 -17.85 -4.35
CA ALA A 151 34.25 -19.02 -4.40
C ALA A 151 33.01 -18.85 -3.53
N ILE A 152 31.92 -19.47 -3.96
CA ILE A 152 30.75 -19.67 -3.14
C ILE A 152 30.64 -21.17 -2.93
N VAL A 153 30.95 -21.62 -1.71
CA VAL A 153 31.01 -23.04 -1.41
C VAL A 153 29.68 -23.46 -0.79
N GLU A 154 28.99 -24.38 -1.45
CA GLU A 154 27.68 -24.83 -0.98
C GLU A 154 27.83 -25.68 0.29
N GLN A 155 26.69 -25.92 0.96
CA GLN A 155 26.67 -26.66 2.22
C GLN A 155 27.43 -27.98 2.15
N LYS A 156 27.11 -28.82 1.17
CA LYS A 156 27.65 -30.18 1.13
C LYS A 156 29.11 -30.29 0.71
N ASP A 157 29.70 -29.20 0.24
CA ASP A 157 31.10 -29.17 -0.18
C ASP A 157 32.04 -28.56 0.87
N ALA A 158 31.49 -27.75 1.76
CA ALA A 158 32.31 -27.00 2.71
C ALA A 158 33.00 -27.92 3.71
N ASN A 159 34.26 -27.62 4.01
CA ASN A 159 35.00 -28.32 5.06
C ASN A 159 34.57 -27.79 6.43
N ALA A 160 35.26 -28.20 7.49
CA ALA A 160 34.86 -27.85 8.85
C ALA A 160 34.90 -26.33 9.11
N GLU A 161 36.00 -25.68 8.74
CA GLU A 161 36.16 -24.25 9.00
C GLU A 161 35.26 -23.37 8.11
N GLN A 162 34.98 -23.85 6.89
CA GLN A 162 34.12 -23.11 5.96
C GLN A 162 32.67 -23.13 6.41
N LEU A 163 32.29 -24.19 7.11
CA LEU A 163 30.95 -24.31 7.67
C LEU A 163 30.70 -23.22 8.73
N ASN A 164 31.77 -22.74 9.36
CA ASN A 164 31.67 -21.70 10.37
C ASN A 164 31.51 -20.29 9.80
N ILE A 165 31.75 -20.14 8.49
CA ILE A 165 31.57 -18.85 7.84
C ILE A 165 30.08 -18.46 7.88
N LYS A 166 29.82 -17.23 8.31
CA LYS A 166 28.45 -16.72 8.45
C LYS A 166 28.02 -15.91 7.22
N GLU A 167 28.98 -15.39 6.47
CA GLU A 167 28.66 -14.62 5.26
C GLU A 167 28.15 -15.56 4.17
N VAL A 168 27.03 -15.19 3.58
CA VAL A 168 26.26 -16.09 2.73
C VAL A 168 25.79 -15.35 1.46
N ASN A 169 25.57 -16.11 0.39
CA ASN A 169 25.18 -15.58 -0.92
C ASN A 169 23.67 -15.32 -0.97
N THR A 170 23.29 -14.13 -1.45
CA THR A 170 21.87 -13.80 -1.60
C THR A 170 21.35 -14.01 -3.02
N GLY A 171 22.26 -14.04 -3.99
CA GLY A 171 21.88 -14.17 -5.38
C GLY A 171 21.65 -12.84 -6.09
N VAL A 172 21.61 -11.73 -5.36
CA VAL A 172 21.51 -10.44 -6.04
C VAL A 172 22.90 -9.92 -6.36
N MET A 173 23.05 -9.39 -7.57
CA MET A 173 24.35 -9.04 -8.10
C MET A 173 24.24 -8.01 -9.21
N VAL A 174 25.35 -7.34 -9.47
CA VAL A 174 25.45 -6.35 -10.52
C VAL A 174 26.65 -6.66 -11.41
N SER A 175 26.46 -6.57 -12.71
CA SER A 175 27.57 -6.65 -13.66
C SER A 175 27.14 -5.92 -14.92
N ASP A 176 28.09 -5.65 -15.82
CA ASP A 176 27.77 -4.96 -17.06
C ASP A 176 27.11 -5.94 -18.03
N GLY A 177 26.34 -5.40 -18.97
CA GLY A 177 25.56 -6.21 -19.88
C GLY A 177 26.38 -7.16 -20.72
N ALA A 178 27.53 -6.70 -21.22
CA ALA A 178 28.40 -7.54 -22.04
C ALA A 178 28.91 -8.74 -21.23
N SER A 179 29.31 -8.50 -19.99
CA SER A 179 29.79 -9.56 -19.12
C SER A 179 28.69 -10.59 -18.87
N PHE A 180 27.47 -10.13 -18.63
CA PHE A 180 26.33 -11.04 -18.42
C PHE A 180 26.10 -11.92 -19.65
N LYS A 181 26.11 -11.32 -20.84
CA LYS A 181 25.88 -12.06 -22.07
C LYS A 181 26.93 -13.16 -22.25
N LYS A 182 28.18 -12.81 -21.96
CA LYS A 182 29.31 -13.72 -22.12
C LYS A 182 29.24 -14.88 -21.13
N TRP A 183 29.08 -14.56 -19.85
CA TRP A 183 29.10 -15.57 -18.80
C TRP A 183 27.84 -16.43 -18.78
N LEU A 184 26.69 -15.85 -19.08
CA LEU A 184 25.44 -16.63 -19.07
C LEU A 184 25.50 -17.77 -20.08
N ALA A 185 26.13 -17.55 -21.22
CA ALA A 185 26.27 -18.57 -22.25
C ALA A 185 27.14 -19.74 -21.79
N ARG A 186 27.95 -19.51 -20.76
CA ARG A 186 28.86 -20.51 -20.23
C ARG A 186 28.35 -21.25 -18.98
N VAL A 187 27.16 -20.92 -18.51
CA VAL A 187 26.60 -21.61 -17.35
C VAL A 187 26.05 -22.95 -17.77
N GLY A 188 26.42 -24.01 -17.04
CA GLY A 188 25.90 -25.33 -17.28
C GLY A 188 24.92 -25.75 -16.20
N ASN A 189 24.38 -26.96 -16.35
CA ASN A 189 23.44 -27.50 -15.37
C ASN A 189 23.90 -28.84 -14.81
N ASN A 190 25.21 -29.05 -14.75
CA ASN A 190 25.77 -30.28 -14.19
C ASN A 190 25.78 -30.21 -12.67
N ASN A 191 24.65 -30.51 -12.06
CA ASN A 191 24.52 -30.48 -10.61
C ASN A 191 23.30 -31.27 -10.16
N ALA A 192 23.15 -31.46 -8.85
CA ALA A 192 22.12 -32.35 -8.31
C ALA A 192 20.70 -31.98 -8.78
N GLN A 193 20.47 -30.68 -8.97
CA GLN A 193 19.15 -30.19 -9.32
C GLN A 193 18.92 -30.09 -10.84
N GLY A 194 20.01 -30.13 -11.61
CA GLY A 194 19.93 -30.04 -13.06
C GLY A 194 19.55 -28.66 -13.55
N GLU A 195 19.92 -27.64 -12.78
CA GLU A 195 19.51 -26.27 -13.06
C GLU A 195 20.69 -25.38 -13.45
N TYR A 196 20.39 -24.35 -14.23
CA TYR A 196 21.35 -23.32 -14.57
C TYR A 196 21.31 -22.21 -13.52
N TYR A 197 22.28 -22.23 -12.60
CA TYR A 197 22.31 -21.30 -11.48
C TYR A 197 23.09 -20.03 -11.82
N LEU A 198 22.50 -18.89 -11.49
CA LEU A 198 23.16 -17.61 -11.64
C LEU A 198 24.43 -17.55 -10.77
N THR A 199 24.39 -18.25 -9.64
CA THR A 199 25.53 -18.38 -8.73
C THR A 199 26.85 -18.64 -9.46
N ASP A 200 26.81 -19.47 -10.49
CA ASP A 200 28.02 -19.89 -11.20
C ASP A 200 28.75 -18.75 -11.90
N LEU A 201 28.12 -17.58 -12.00
CA LEU A 201 28.78 -16.43 -12.60
C LEU A 201 30.02 -16.03 -11.82
N ILE A 202 30.01 -16.27 -10.51
CA ILE A 202 31.15 -15.92 -9.67
C ILE A 202 32.37 -16.76 -10.06
N ALA A 203 32.16 -18.06 -10.22
CA ALA A 203 33.22 -18.96 -10.66
C ALA A 203 33.70 -18.56 -12.05
N LEU A 204 32.76 -18.24 -12.94
CA LEU A 204 33.11 -17.90 -14.30
C LEU A 204 33.89 -16.60 -14.37
N ALA A 205 33.51 -15.64 -13.52
CA ALA A 205 34.22 -14.37 -13.46
C ALA A 205 35.66 -14.60 -13.02
N ASN A 206 35.85 -15.45 -12.02
CA ASN A 206 37.17 -15.78 -11.51
C ASN A 206 38.02 -16.52 -12.56
N GLN A 207 37.39 -17.36 -13.38
CA GLN A 207 38.06 -18.01 -14.50
C GLN A 207 38.64 -16.99 -15.49
N ASP A 208 37.94 -15.87 -15.65
CA ASP A 208 38.33 -14.82 -16.59
C ASP A 208 39.28 -13.81 -15.98
N ASN A 209 39.77 -14.12 -14.79
CA ASN A 209 40.51 -13.14 -13.99
C ASN A 209 39.77 -11.82 -13.88
N CYS A 210 38.48 -11.92 -13.57
CA CYS A 210 37.68 -10.74 -13.29
C CYS A 210 37.34 -10.71 -11.81
N GLN A 211 37.27 -9.51 -11.26
CA GLN A 211 37.11 -9.30 -9.83
C GLN A 211 35.65 -9.37 -9.43
N VAL A 212 35.35 -10.11 -8.38
CA VAL A 212 34.04 -10.01 -7.74
C VAL A 212 34.22 -9.50 -6.31
N VAL A 213 33.45 -8.47 -5.98
CA VAL A 213 33.54 -7.80 -4.69
C VAL A 213 32.27 -8.04 -3.90
N ALA A 214 32.42 -8.37 -2.61
CA ALA A 214 31.27 -8.56 -1.73
C ALA A 214 30.83 -7.25 -1.08
N VAL A 215 29.52 -7.07 -0.99
CA VAL A 215 28.92 -5.95 -0.29
C VAL A 215 27.88 -6.52 0.67
N GLN A 216 28.07 -6.30 1.96
CA GLN A 216 27.16 -6.83 2.98
C GLN A 216 25.92 -5.95 3.06
N ALA A 217 24.75 -6.58 3.15
CA ALA A 217 23.52 -5.86 3.41
C ALA A 217 23.49 -5.51 4.89
N THR A 218 23.08 -4.29 5.20
CA THR A 218 23.03 -3.82 6.59
C THR A 218 22.00 -4.60 7.38
N ASP A 219 20.83 -4.81 6.79
CA ASP A 219 19.73 -5.50 7.44
C ASP A 219 19.43 -6.84 6.76
N VAL A 220 19.35 -7.89 7.56
CA VAL A 220 19.09 -9.24 7.06
C VAL A 220 17.73 -9.38 6.38
N MET A 221 16.72 -8.72 6.95
CA MET A 221 15.35 -8.82 6.44
C MET A 221 15.22 -8.23 5.05
N GLU A 222 16.11 -7.30 4.75
CA GLU A 222 16.15 -6.63 3.46
C GLU A 222 16.14 -7.61 2.31
N VAL A 223 16.94 -8.66 2.44
CA VAL A 223 17.14 -9.62 1.35
C VAL A 223 16.29 -10.86 1.49
N GLU A 224 15.42 -10.87 2.50
CA GLU A 224 14.58 -12.03 2.78
C GLU A 224 13.44 -12.20 1.77
N GLY A 225 13.25 -13.43 1.32
CA GLY A 225 12.14 -13.76 0.44
C GLY A 225 10.98 -14.35 1.20
N ALA A 226 9.87 -14.56 0.53
CA ALA A 226 8.73 -15.23 1.15
C ALA A 226 8.28 -16.37 0.25
N ASN A 227 8.38 -17.59 0.76
CA ASN A 227 7.92 -18.78 0.07
C ASN A 227 6.52 -19.20 0.51
N ASN A 228 6.06 -18.63 1.62
CA ASN A 228 4.75 -18.95 2.14
C ASN A 228 4.19 -17.74 2.90
N ARG A 229 2.95 -17.85 3.35
CA ARG A 229 2.28 -16.71 3.98
C ARG A 229 2.77 -16.42 5.41
N LEU A 230 3.35 -17.40 6.09
CA LEU A 230 3.99 -17.15 7.38
C LEU A 230 5.18 -16.20 7.20
N GLN A 231 6.03 -16.49 6.23
CA GLN A 231 7.21 -15.69 5.93
C GLN A 231 6.78 -14.31 5.45
N LEU A 232 5.72 -14.29 4.66
CA LEU A 232 5.18 -13.03 4.16
C LEU A 232 4.68 -12.13 5.30
N ALA A 233 4.03 -12.73 6.29
CA ALA A 233 3.54 -11.96 7.44
C ALA A 233 4.69 -11.36 8.25
N ALA A 234 5.82 -12.05 8.31
CA ALA A 234 6.99 -11.53 9.01
C ALA A 234 7.56 -10.33 8.25
N LEU A 235 7.63 -10.43 6.93
CA LEU A 235 8.04 -9.31 6.07
C LEU A 235 7.11 -8.11 6.25
N GLU A 236 5.81 -8.38 6.31
CA GLU A 236 4.81 -7.34 6.52
C GLU A 236 5.09 -6.58 7.81
N ARG A 237 5.29 -7.34 8.89
CA ARG A 237 5.49 -6.76 10.21
C ARG A 237 6.79 -5.93 10.23
N TYR A 238 7.86 -6.47 9.65
CA TYR A 238 9.12 -5.71 9.54
C TYR A 238 8.92 -4.41 8.76
N PHE A 239 8.15 -4.47 7.67
CA PHE A 239 7.88 -3.30 6.84
C PHE A 239 7.08 -2.23 7.60
N GLN A 240 6.02 -2.64 8.27
CA GLN A 240 5.17 -1.71 9.01
C GLN A 240 5.95 -1.05 10.14
N ASN A 241 6.73 -1.85 10.87
CA ASN A 241 7.57 -1.30 11.93
C ASN A 241 8.54 -0.24 11.41
N LYS A 242 9.16 -0.51 10.28
CA LYS A 242 10.09 0.44 9.67
C LYS A 242 9.38 1.72 9.22
N GLN A 243 8.17 1.58 8.68
CA GLN A 243 7.38 2.73 8.24
C GLN A 243 6.99 3.59 9.43
N ALA A 244 6.56 2.92 10.50
CA ALA A 244 6.11 3.59 11.70
C ALA A 244 7.27 4.31 12.38
N SER A 245 8.43 3.68 12.42
CA SER A 245 9.62 4.27 13.04
C SER A 245 10.05 5.55 12.33
N LYS A 246 9.98 5.52 11.00
CA LYS A 246 10.28 6.71 10.21
C LYS A 246 9.32 7.85 10.55
N LEU A 247 8.04 7.53 10.66
CA LEU A 247 7.02 8.53 10.97
C LEU A 247 7.24 9.11 12.38
N LEU A 248 7.56 8.25 13.33
CA LEU A 248 7.81 8.68 14.71
C LEU A 248 9.00 9.63 14.73
N LEU A 249 10.05 9.30 13.97
CA LEU A 249 11.23 10.15 13.92
C LEU A 249 10.96 11.46 13.17
N GLU A 250 9.93 11.50 12.33
CA GLU A 250 9.49 12.75 11.69
C GLU A 250 8.54 13.58 12.58
N GLY A 251 8.18 13.05 13.75
CA GLY A 251 7.38 13.79 14.70
C GLY A 251 5.91 13.42 14.80
N VAL A 252 5.50 12.34 14.16
CA VAL A 252 4.13 11.84 14.32
C VAL A 252 4.02 11.00 15.59
N MET A 253 3.11 11.37 16.48
CA MET A 253 2.88 10.57 17.68
C MET A 253 2.03 9.35 17.34
N ILE A 254 2.64 8.18 17.36
CA ILE A 254 1.93 6.93 17.17
C ILE A 254 1.96 6.20 18.51
N TYR A 255 0.80 6.07 19.15
CA TYR A 255 0.70 5.54 20.51
C TYR A 255 1.35 4.17 20.62
N ASP A 256 1.15 3.34 19.60
CA ASP A 256 1.76 2.00 19.56
C ASP A 256 2.10 1.63 18.12
N PRO A 257 3.36 1.74 17.75
CA PRO A 257 3.79 1.42 16.38
C PRO A 257 3.50 -0.02 15.95
N ALA A 258 3.38 -0.96 16.89
CA ALA A 258 3.02 -2.35 16.54
C ALA A 258 1.53 -2.48 16.21
N ARG A 259 0.77 -1.44 16.49
CA ARG A 259 -0.65 -1.44 16.14
C ARG A 259 -0.96 -0.26 15.24
N PHE A 260 -0.20 -0.16 14.16
CA PHE A 260 -0.39 0.86 13.17
C PHE A 260 -0.07 0.25 11.81
N ASP A 261 -0.88 0.57 10.81
CA ASP A 261 -0.67 0.05 9.46
C ASP A 261 -0.77 1.17 8.43
N LEU A 262 0.27 1.30 7.62
CA LEU A 262 0.27 2.20 6.47
C LEU A 262 0.38 1.38 5.19
N ARG A 263 -0.57 1.60 4.29
CA ARG A 263 -0.72 0.84 3.05
C ARG A 263 -0.87 1.84 1.91
N GLY A 264 0.22 2.53 1.61
CA GLY A 264 0.22 3.64 0.68
C GLY A 264 1.19 4.71 1.14
N THR A 265 0.80 5.98 1.03
CA THR A 265 1.65 7.07 1.46
C THR A 265 0.93 7.98 2.45
N LEU A 266 1.68 8.52 3.40
CA LEU A 266 1.14 9.44 4.38
C LEU A 266 1.94 10.72 4.37
N GLU A 267 1.26 11.82 4.09
CA GLU A 267 1.82 13.16 4.22
C GLU A 267 1.25 13.76 5.50
N HIS A 268 2.09 14.41 6.29
CA HIS A 268 1.64 14.93 7.59
C HIS A 268 2.25 16.27 7.98
N GLY A 269 1.53 17.01 8.81
CA GLY A 269 2.05 18.20 9.44
C GLY A 269 2.66 17.85 10.79
N LYS A 270 2.71 18.84 11.67
CA LYS A 270 3.28 18.66 13.01
C LYS A 270 2.21 18.35 14.04
N ASP A 271 2.61 17.71 15.13
CA ASP A 271 1.74 17.40 16.26
C ASP A 271 0.51 16.56 15.89
N VAL A 272 0.69 15.66 14.94
CA VAL A 272 -0.33 14.68 14.59
C VAL A 272 -0.28 13.52 15.57
N GLU A 273 -1.45 13.11 16.05
CA GLU A 273 -1.58 12.04 17.02
C GLU A 273 -2.46 10.93 16.45
N ILE A 274 -1.93 9.72 16.46
CA ILE A 274 -2.62 8.59 15.87
C ILE A 274 -2.72 7.49 16.92
N ASP A 275 -3.93 7.21 17.36
CA ASP A 275 -4.14 6.23 18.40
C ASP A 275 -3.98 4.82 17.82
N VAL A 276 -4.20 3.87 18.69
CA VAL A 276 -3.94 2.48 18.46
C VAL A 276 -4.94 1.88 17.46
N ASN A 277 -4.46 0.98 16.61
CA ASN A 277 -5.28 0.26 15.63
C ASN A 277 -5.88 1.14 14.54
N VAL A 278 -5.05 2.00 13.98
CA VAL A 278 -5.47 2.81 12.86
C VAL A 278 -4.87 2.21 11.58
N ILE A 279 -5.61 2.30 10.48
CA ILE A 279 -5.14 1.86 9.18
C ILE A 279 -5.24 3.04 8.21
N ILE A 280 -4.13 3.30 7.53
CA ILE A 280 -4.02 4.39 6.56
C ILE A 280 -3.77 3.76 5.19
N GLU A 281 -4.64 4.04 4.22
CA GLU A 281 -4.60 3.38 2.92
C GLU A 281 -4.62 4.38 1.75
N GLY A 282 -3.97 4.01 0.64
CA GLY A 282 -3.83 4.88 -0.49
C GLY A 282 -3.05 6.13 -0.12
N ASN A 283 -3.44 7.25 -0.71
CA ASN A 283 -2.78 8.52 -0.47
C ASN A 283 -3.56 9.33 0.58
N VAL A 284 -2.93 9.53 1.73
CA VAL A 284 -3.56 10.25 2.81
C VAL A 284 -2.72 11.46 3.19
N LYS A 285 -3.38 12.59 3.39
CA LYS A 285 -2.72 13.82 3.79
C LYS A 285 -3.39 14.34 5.06
N LEU A 286 -2.60 14.53 6.11
CA LEU A 286 -3.08 15.05 7.38
C LEU A 286 -2.38 16.38 7.68
N GLY A 287 -3.13 17.39 8.11
CA GLY A 287 -2.54 18.68 8.44
C GLY A 287 -1.96 18.69 9.84
N ASP A 288 -1.64 19.86 10.35
CA ASP A 288 -1.14 20.02 11.70
C ASP A 288 -2.23 19.71 12.74
N ARG A 289 -1.83 19.07 13.83
CA ARG A 289 -2.66 18.90 15.01
C ARG A 289 -3.87 18.00 14.74
N VAL A 290 -3.77 17.14 13.73
CA VAL A 290 -4.84 16.18 13.49
C VAL A 290 -4.73 15.06 14.51
N LYS A 291 -5.86 14.71 15.12
CA LYS A 291 -5.92 13.61 16.05
C LYS A 291 -6.82 12.52 15.49
N ILE A 292 -6.30 11.31 15.40
CA ILE A 292 -7.06 10.16 14.94
C ILE A 292 -7.23 9.18 16.09
N GLY A 293 -8.48 8.90 16.43
CA GLY A 293 -8.79 7.99 17.53
C GLY A 293 -8.66 6.53 17.13
N THR A 294 -8.82 5.66 18.10
CA THR A 294 -8.59 4.24 17.92
C THR A 294 -9.57 3.65 16.92
N GLY A 295 -9.09 2.72 16.10
CA GLY A 295 -9.95 1.95 15.22
C GLY A 295 -10.30 2.60 13.90
N CYS A 296 -9.74 3.76 13.61
CA CYS A 296 -10.12 4.46 12.40
C CYS A 296 -9.48 3.88 11.15
N VAL A 297 -10.19 3.98 10.03
CA VAL A 297 -9.66 3.57 8.73
C VAL A 297 -9.80 4.75 7.77
N LEU A 298 -8.66 5.21 7.25
CA LEU A 298 -8.62 6.34 6.33
C LEU A 298 -8.01 5.85 5.03
N LYS A 299 -8.78 5.93 3.95
CA LYS A 299 -8.30 5.53 2.64
C LYS A 299 -8.52 6.68 1.66
N ASN A 300 -7.44 7.18 1.06
CA ASN A 300 -7.51 8.28 0.10
C ASN A 300 -8.31 9.47 0.60
N VAL A 301 -7.81 10.13 1.64
CA VAL A 301 -8.49 11.27 2.22
C VAL A 301 -7.53 12.43 2.45
N VAL A 302 -8.07 13.64 2.48
CA VAL A 302 -7.31 14.81 2.87
C VAL A 302 -7.97 15.38 4.12
N ILE A 303 -7.21 15.53 5.20
CA ILE A 303 -7.72 16.06 6.45
C ILE A 303 -6.98 17.35 6.77
N GLY A 304 -7.73 18.42 6.99
CA GLY A 304 -7.16 19.74 7.27
C GLY A 304 -6.64 19.86 8.69
N ASN A 305 -6.02 21.00 8.98
CA ASN A 305 -5.51 21.29 10.32
C ASN A 305 -6.60 21.19 11.40
N ASP A 306 -6.20 20.72 12.58
CA ASP A 306 -7.03 20.77 13.79
C ASP A 306 -8.31 19.93 13.76
N VAL A 307 -8.31 18.88 12.94
CA VAL A 307 -9.44 17.98 12.86
C VAL A 307 -9.27 16.85 13.86
N GLU A 308 -10.31 16.54 14.62
CA GLU A 308 -10.32 15.33 15.42
C GLU A 308 -11.28 14.33 14.80
N ILE A 309 -10.77 13.14 14.54
CA ILE A 309 -11.56 11.99 14.14
C ILE A 309 -11.63 11.07 15.34
N LYS A 310 -12.83 10.88 15.88
CA LYS A 310 -13.03 10.07 17.07
C LYS A 310 -13.14 8.60 16.66
N PRO A 311 -13.01 7.70 17.63
CA PRO A 311 -12.88 6.26 17.37
C PRO A 311 -13.91 5.61 16.43
N TYR A 312 -13.44 4.59 15.72
CA TYR A 312 -14.28 3.76 14.88
C TYR A 312 -14.99 4.56 13.80
N SER A 313 -14.23 5.44 13.16
CA SER A 313 -14.69 6.13 11.97
C SER A 313 -13.99 5.57 10.73
N VAL A 314 -14.76 5.42 9.64
CA VAL A 314 -14.27 4.90 8.38
C VAL A 314 -14.47 5.95 7.28
N LEU A 315 -13.38 6.37 6.64
CA LEU A 315 -13.39 7.45 5.67
C LEU A 315 -12.70 6.97 4.40
N GLU A 316 -13.31 7.20 3.25
CA GLU A 316 -12.71 6.88 1.96
C GLU A 316 -13.01 7.95 0.92
N ASP A 317 -11.99 8.35 0.16
CA ASP A 317 -12.18 9.28 -0.97
C ASP A 317 -12.91 10.54 -0.54
N SER A 318 -12.46 11.14 0.54
CA SER A 318 -13.16 12.21 1.19
C SER A 318 -12.23 13.36 1.52
N ILE A 319 -12.80 14.54 1.67
CA ILE A 319 -12.05 15.72 2.07
C ILE A 319 -12.70 16.33 3.30
N VAL A 320 -11.88 16.71 4.28
CA VAL A 320 -12.35 17.28 5.53
C VAL A 320 -11.59 18.58 5.83
N GLY A 321 -12.34 19.67 5.97
CA GLY A 321 -11.73 20.97 6.19
C GLY A 321 -11.29 21.15 7.64
N GLU A 322 -10.54 22.22 7.88
CA GLU A 322 -9.96 22.48 9.18
C GLU A 322 -10.97 22.66 10.31
N LYS A 323 -10.60 22.19 11.49
CA LYS A 323 -11.38 22.29 12.71
C LYS A 323 -12.67 21.46 12.70
N ALA A 324 -12.84 20.59 11.71
CA ALA A 324 -13.99 19.69 11.67
C ALA A 324 -13.85 18.66 12.77
N ALA A 325 -14.98 18.06 13.16
CA ALA A 325 -15.02 17.00 14.14
C ALA A 325 -15.84 15.86 13.55
N ILE A 326 -15.25 14.67 13.50
CA ILE A 326 -15.88 13.48 12.93
C ILE A 326 -15.87 12.38 13.97
N GLY A 327 -16.94 11.61 14.04
CA GLY A 327 -16.98 10.43 14.87
C GLY A 327 -17.55 10.65 16.26
N PRO A 328 -17.59 9.61 17.09
CA PRO A 328 -17.16 8.27 16.69
C PRO A 328 -18.21 7.56 15.83
N PHE A 329 -17.86 6.43 15.25
CA PHE A 329 -18.81 5.66 14.44
C PHE A 329 -19.38 6.45 13.26
N SER A 330 -18.56 7.28 12.63
CA SER A 330 -18.99 7.98 11.41
C SER A 330 -18.49 7.25 10.17
N ARG A 331 -19.23 7.39 9.07
CA ARG A 331 -18.83 6.82 7.79
C ARG A 331 -18.89 7.85 6.68
N LEU A 332 -17.73 8.15 6.11
CA LEU A 332 -17.63 8.98 4.93
C LEU A 332 -17.31 8.07 3.75
N ARG A 333 -18.22 8.04 2.79
CA ARG A 333 -18.05 7.27 1.58
C ARG A 333 -17.55 8.17 0.47
N PRO A 334 -17.06 7.60 -0.63
CA PRO A 334 -16.43 8.41 -1.68
C PRO A 334 -17.23 9.65 -2.07
N GLY A 335 -16.54 10.77 -2.23
CA GLY A 335 -17.17 12.02 -2.61
C GLY A 335 -17.72 12.82 -1.44
N ALA A 336 -17.47 12.40 -0.21
CA ALA A 336 -17.85 13.21 0.94
C ALA A 336 -16.88 14.38 1.06
N GLU A 337 -17.40 15.60 1.01
CA GLU A 337 -16.60 16.79 1.19
C GLU A 337 -17.19 17.62 2.31
N LEU A 338 -16.45 17.68 3.42
CA LEU A 338 -16.87 18.40 4.60
C LEU A 338 -16.04 19.68 4.69
N ALA A 339 -16.71 20.82 4.82
CA ALA A 339 -16.02 22.10 4.93
C ALA A 339 -15.46 22.27 6.33
N ALA A 340 -14.78 23.39 6.54
CA ALA A 340 -14.24 23.76 7.84
C ALA A 340 -15.33 23.80 8.91
N GLU A 341 -14.98 23.40 10.12
CA GLU A 341 -15.82 23.57 11.30
C GLU A 341 -17.13 22.79 11.23
N THR A 342 -17.16 21.74 10.43
CA THR A 342 -18.34 20.88 10.38
C THR A 342 -18.28 19.84 11.50
N HIS A 343 -19.43 19.20 11.75
CA HIS A 343 -19.56 18.19 12.78
C HIS A 343 -20.34 17.00 12.20
N VAL A 344 -19.74 15.82 12.24
CA VAL A 344 -20.40 14.59 11.81
C VAL A 344 -20.28 13.59 12.96
N GLY A 345 -21.41 13.05 13.41
CA GLY A 345 -21.46 12.28 14.63
C GLY A 345 -21.75 10.81 14.44
N ASN A 346 -22.22 10.16 15.50
CA ASN A 346 -22.29 8.70 15.51
C ASN A 346 -23.44 8.14 14.69
N PHE A 347 -23.13 7.06 13.99
CA PHE A 347 -24.09 6.34 13.17
C PHE A 347 -24.62 7.25 12.05
N VAL A 348 -23.70 8.00 11.46
CA VAL A 348 -24.00 8.86 10.34
C VAL A 348 -23.20 8.41 9.13
N GLU A 349 -23.89 8.34 8.00
CA GLU A 349 -23.29 7.95 6.73
C GLU A 349 -23.47 9.11 5.74
N ILE A 350 -22.36 9.58 5.18
CA ILE A 350 -22.37 10.62 4.17
C ILE A 350 -21.73 10.11 2.88
N LYS A 351 -22.49 10.16 1.78
CA LYS A 351 -22.03 9.67 0.49
C LYS A 351 -22.20 10.72 -0.59
N LYS A 352 -21.12 10.95 -1.33
CA LYS A 352 -21.12 11.88 -2.46
C LYS A 352 -21.94 13.15 -2.21
N SER A 353 -21.55 13.86 -1.15
CA SER A 353 -22.26 15.06 -0.75
C SER A 353 -21.28 16.12 -0.24
N THR A 354 -21.64 17.38 -0.42
CA THR A 354 -20.87 18.48 0.14
C THR A 354 -21.64 19.02 1.34
N VAL A 355 -20.91 19.30 2.42
CA VAL A 355 -21.50 19.83 3.65
C VAL A 355 -20.75 21.10 4.01
N GLY A 356 -21.48 22.21 4.09
CA GLY A 356 -20.88 23.52 4.20
C GLY A 356 -20.47 23.88 5.60
N LYS A 357 -19.73 24.97 5.70
CA LYS A 357 -19.06 25.39 6.91
C LYS A 357 -20.01 25.52 8.09
N GLY A 358 -19.63 24.95 9.23
CA GLY A 358 -20.39 25.10 10.47
C GLY A 358 -21.54 24.14 10.62
N SER A 359 -21.86 23.41 9.55
CA SER A 359 -23.04 22.53 9.56
C SER A 359 -22.81 21.30 10.43
N LYS A 360 -23.89 20.80 11.02
CA LYS A 360 -23.81 19.60 11.85
C LYS A 360 -24.78 18.51 11.42
N VAL A 361 -24.26 17.28 11.43
CA VAL A 361 -25.02 16.08 11.14
C VAL A 361 -24.63 15.04 12.20
N ASN A 362 -25.32 15.06 13.34
CA ASN A 362 -24.76 14.42 14.53
C ASN A 362 -25.27 13.03 14.95
N HIS A 363 -26.36 12.53 14.34
CA HIS A 363 -26.86 11.19 14.68
C HIS A 363 -27.74 10.49 13.66
N LEU A 364 -27.45 9.21 13.43
CA LEU A 364 -28.43 8.29 12.88
C LEU A 364 -29.01 8.81 11.57
N THR A 365 -28.12 9.19 10.67
CA THR A 365 -28.54 9.93 9.49
C THR A 365 -27.82 9.40 8.25
N TYR A 366 -28.53 9.38 7.13
CA TYR A 366 -27.93 9.11 5.84
C TYR A 366 -28.12 10.33 4.96
N VAL A 367 -27.01 10.88 4.48
CA VAL A 367 -27.02 11.93 3.46
C VAL A 367 -26.26 11.45 2.22
N GLY A 368 -26.94 11.40 1.09
CA GLY A 368 -26.36 10.91 -0.15
C GLY A 368 -26.73 11.82 -1.30
N ASP A 369 -25.77 12.02 -2.21
CA ASP A 369 -26.00 12.84 -3.41
C ASP A 369 -26.62 14.19 -3.09
N SER A 370 -26.03 14.87 -2.14
CA SER A 370 -26.62 16.09 -1.62
C SER A 370 -25.62 17.22 -1.59
N GLU A 371 -26.14 18.44 -1.62
CA GLU A 371 -25.37 19.63 -1.32
C GLU A 371 -26.03 20.26 -0.10
N ILE A 372 -25.26 20.46 0.96
CA ILE A 372 -25.75 21.12 2.15
C ILE A 372 -24.90 22.35 2.36
N GLY A 373 -25.54 23.48 2.62
CA GLY A 373 -24.85 24.75 2.75
C GLY A 373 -24.22 24.93 4.12
N SER A 374 -23.96 26.19 4.48
CA SER A 374 -23.29 26.52 5.73
C SER A 374 -24.29 26.75 6.88
N ASN A 375 -23.86 26.40 8.09
CA ASN A 375 -24.61 26.60 9.32
C ASN A 375 -26.00 25.94 9.32
N CYS A 376 -26.07 24.75 8.73
CA CYS A 376 -27.28 23.96 8.77
C CYS A 376 -27.28 23.05 9.97
N ASN A 377 -28.48 22.66 10.38
CA ASN A 377 -28.68 21.71 11.44
C ASN A 377 -29.50 20.54 10.89
N ILE A 378 -28.83 19.43 10.62
CA ILE A 378 -29.48 18.23 10.12
C ILE A 378 -29.77 17.31 11.30
N GLY A 379 -31.04 17.16 11.64
CA GLY A 379 -31.44 16.45 12.85
C GLY A 379 -31.23 14.95 12.78
N ALA A 380 -31.27 14.33 13.95
CA ALA A 380 -31.23 12.88 14.07
C ALA A 380 -32.29 12.22 13.21
N GLY A 381 -31.93 11.12 12.56
CA GLY A 381 -32.90 10.32 11.84
C GLY A 381 -33.24 10.83 10.45
N VAL A 382 -32.54 11.85 9.98
CA VAL A 382 -32.82 12.40 8.65
C VAL A 382 -32.27 11.47 7.58
N ILE A 383 -33.02 11.30 6.51
CA ILE A 383 -32.66 10.41 5.41
C ILE A 383 -32.94 11.10 4.08
N THR A 384 -31.94 11.13 3.20
CA THR A 384 -32.18 11.48 1.80
C THR A 384 -32.48 10.19 1.05
N CYS A 385 -33.59 10.17 0.33
CA CYS A 385 -33.96 8.99 -0.43
C CYS A 385 -34.47 9.34 -1.83
N ASN A 386 -34.68 8.31 -2.63
CA ASN A 386 -35.19 8.48 -3.99
C ASN A 386 -36.51 7.75 -4.15
N TYR A 387 -37.24 8.12 -5.21
CA TYR A 387 -38.39 7.32 -5.63
C TYR A 387 -37.87 6.00 -6.18
N ASP A 388 -38.74 5.01 -6.16
CA ASP A 388 -38.51 3.74 -6.83
C ASP A 388 -38.47 3.98 -8.33
N GLY A 389 -37.34 3.73 -8.96
CA GLY A 389 -37.25 3.92 -10.38
C GLY A 389 -35.82 3.80 -10.85
N ALA A 390 -35.35 4.80 -11.57
CA ALA A 390 -33.97 4.79 -12.07
C ALA A 390 -33.05 5.67 -11.22
N ASN A 391 -32.14 6.36 -11.91
CA ASN A 391 -30.98 7.01 -11.29
C ASN A 391 -31.24 7.72 -9.97
N LYS A 392 -30.14 8.14 -9.32
CA LYS A 392 -30.15 8.66 -7.97
C LYS A 392 -30.01 10.19 -7.98
N PHE A 393 -31.12 10.87 -7.72
CA PHE A 393 -31.18 12.31 -7.91
C PHE A 393 -30.69 13.09 -6.67
N LYS A 394 -30.60 14.41 -6.83
CA LYS A 394 -29.88 15.25 -5.87
C LYS A 394 -30.79 16.04 -4.95
N THR A 395 -30.36 16.17 -3.70
CA THR A 395 -31.02 17.01 -2.72
C THR A 395 -30.13 18.23 -2.51
N ILE A 396 -30.72 19.42 -2.64
CA ILE A 396 -30.00 20.67 -2.46
C ILE A 396 -30.57 21.41 -1.25
N ILE A 397 -29.76 21.61 -0.24
CA ILE A 397 -30.13 22.35 0.95
C ILE A 397 -29.24 23.58 1.02
N GLY A 398 -29.84 24.77 1.14
CA GLY A 398 -29.10 26.01 1.16
C GLY A 398 -28.47 26.29 2.51
N ASP A 399 -28.25 27.57 2.80
CA ASP A 399 -27.60 27.98 4.04
C ASP A 399 -28.62 28.18 5.15
N ASP A 400 -28.18 27.99 6.39
CA ASP A 400 -28.97 28.30 7.57
C ASP A 400 -30.30 27.56 7.62
N VAL A 401 -30.29 26.31 7.15
CA VAL A 401 -31.50 25.50 7.18
C VAL A 401 -31.54 24.57 8.39
N PHE A 402 -32.71 24.49 9.03
CA PHE A 402 -32.98 23.54 10.10
C PHE A 402 -33.84 22.41 9.53
N VAL A 403 -33.35 21.18 9.62
CA VAL A 403 -34.10 20.00 9.21
C VAL A 403 -34.38 19.18 10.46
N GLY A 404 -35.65 19.15 10.85
CA GLY A 404 -36.08 18.47 12.05
C GLY A 404 -35.84 16.98 11.97
N SER A 405 -35.71 16.37 13.15
CA SER A 405 -35.39 14.96 13.26
C SER A 405 -36.38 14.07 12.50
N ASP A 406 -35.84 13.00 11.91
CA ASP A 406 -36.64 11.99 11.23
C ASP A 406 -37.32 12.49 9.96
N THR A 407 -36.78 13.54 9.37
CA THR A 407 -37.30 14.04 8.10
C THR A 407 -36.77 13.20 6.95
N GLN A 408 -37.65 12.88 6.00
CA GLN A 408 -37.23 12.24 4.77
C GLN A 408 -37.19 13.30 3.68
N LEU A 409 -36.02 13.45 3.07
CA LEU A 409 -35.84 14.35 1.95
C LEU A 409 -35.84 13.52 0.69
N VAL A 410 -36.87 13.70 -0.14
CA VAL A 410 -37.08 12.85 -1.29
C VAL A 410 -36.59 13.56 -2.55
N ALA A 411 -35.44 13.12 -3.04
CA ALA A 411 -34.81 13.74 -4.21
C ALA A 411 -35.59 13.41 -5.48
N PRO A 412 -35.56 14.29 -6.49
CA PRO A 412 -34.87 15.60 -6.43
C PRO A 412 -35.70 16.66 -5.74
N VAL A 413 -35.06 17.45 -4.88
CA VAL A 413 -35.76 18.51 -4.15
C VAL A 413 -34.75 19.53 -3.66
N LYS A 414 -35.23 20.77 -3.50
CA LYS A 414 -34.39 21.88 -3.08
C LYS A 414 -35.03 22.57 -1.87
N VAL A 415 -34.21 22.89 -0.87
CA VAL A 415 -34.64 23.60 0.31
C VAL A 415 -33.80 24.86 0.38
N ALA A 416 -34.44 26.02 0.23
CA ALA A 416 -33.73 27.30 0.12
C ALA A 416 -33.25 27.84 1.49
N ASN A 417 -32.42 28.89 1.43
CA ASN A 417 -31.82 29.48 2.63
C ASN A 417 -32.86 29.78 3.70
N GLY A 418 -32.50 29.55 4.96
CA GLY A 418 -33.31 29.97 6.10
C GLY A 418 -34.56 29.17 6.36
N ALA A 419 -34.78 28.12 5.57
CA ALA A 419 -35.97 27.28 5.73
C ALA A 419 -35.90 26.48 7.03
N THR A 420 -37.08 26.11 7.54
CA THR A 420 -37.23 25.34 8.76
C THR A 420 -38.20 24.21 8.54
N ILE A 421 -37.76 22.99 8.80
CA ILE A 421 -38.59 21.82 8.60
C ILE A 421 -38.80 21.10 9.93
N GLY A 422 -40.06 20.86 10.27
CA GLY A 422 -40.43 20.21 11.50
C GLY A 422 -40.09 18.73 11.49
N ALA A 423 -39.97 18.15 12.68
CA ALA A 423 -39.70 16.73 12.83
C ALA A 423 -40.82 15.87 12.24
N GLY A 424 -40.44 14.73 11.65
CA GLY A 424 -41.39 13.74 11.18
C GLY A 424 -41.98 14.08 9.82
N THR A 425 -41.27 14.93 9.09
CA THR A 425 -41.78 15.47 7.84
C THR A 425 -41.27 14.66 6.65
N THR A 426 -42.08 14.61 5.59
CA THR A 426 -41.69 14.05 4.31
C THR A 426 -41.69 15.18 3.29
N ILE A 427 -40.51 15.52 2.79
CA ILE A 427 -40.35 16.65 1.87
C ILE A 427 -40.19 16.14 0.45
N THR A 428 -41.21 16.39 -0.38
CA THR A 428 -41.16 16.03 -1.79
C THR A 428 -41.20 17.23 -2.72
N ARG A 429 -41.67 18.37 -2.21
CA ARG A 429 -41.77 19.61 -2.98
C ARG A 429 -40.73 20.61 -2.47
N ASP A 430 -40.29 21.49 -3.37
CA ASP A 430 -39.27 22.47 -3.03
C ASP A 430 -39.74 23.36 -1.89
N VAL A 431 -38.84 23.68 -0.99
CA VAL A 431 -39.15 24.56 0.13
C VAL A 431 -38.50 25.90 -0.16
N GLY A 432 -39.27 26.97 0.00
CA GLY A 432 -38.81 28.32 -0.33
C GLY A 432 -38.00 28.96 0.78
N GLU A 433 -37.45 30.13 0.47
CA GLU A 433 -36.61 30.85 1.41
C GLU A 433 -37.46 31.28 2.60
N ASN A 434 -36.95 31.03 3.79
CA ASN A 434 -37.64 31.37 5.04
C ASN A 434 -39.00 30.70 5.16
N GLU A 435 -39.18 29.55 4.52
CA GLU A 435 -40.41 28.80 4.65
C GLU A 435 -40.32 27.79 5.80
N LEU A 436 -41.35 27.77 6.63
CA LEU A 436 -41.50 26.82 7.74
C LEU A 436 -42.47 25.75 7.27
N VAL A 437 -42.06 24.49 7.35
CA VAL A 437 -42.92 23.38 6.99
C VAL A 437 -43.07 22.45 8.18
N ILE A 438 -44.29 22.32 8.70
CA ILE A 438 -44.52 21.38 9.78
C ILE A 438 -45.62 20.41 9.42
N THR A 439 -45.49 19.20 9.95
CA THR A 439 -46.43 18.14 9.66
C THR A 439 -47.61 18.23 10.61
N ARG A 440 -48.82 18.22 10.04
CA ARG A 440 -50.04 18.15 10.82
C ARG A 440 -50.34 16.69 11.11
N VAL A 441 -50.06 16.25 12.34
CA VAL A 441 -50.38 14.88 12.69
C VAL A 441 -51.83 14.77 13.17
N ALA A 442 -52.42 13.61 12.91
CA ALA A 442 -53.69 13.26 13.49
C ALA A 442 -53.41 12.11 14.43
N GLN A 443 -53.88 12.26 15.67
CA GLN A 443 -53.66 11.26 16.70
C GLN A 443 -54.97 10.87 17.35
N ARG A 444 -55.06 9.61 17.76
CA ARG A 444 -56.16 9.13 18.56
C ARG A 444 -55.67 8.96 19.99
N HIS A 445 -56.39 9.53 20.94
CA HIS A 445 -56.02 9.46 22.35
C HIS A 445 -57.06 8.63 23.08
N ILE A 446 -56.63 7.54 23.70
CA ILE A 446 -57.53 6.68 24.45
C ILE A 446 -57.12 6.65 25.92
N GLN A 447 -58.00 7.15 26.77
CA GLN A 447 -57.73 7.24 28.20
C GLN A 447 -58.08 5.92 28.88
N GLY A 448 -57.35 5.59 29.94
CA GLY A 448 -57.63 4.38 30.70
C GLY A 448 -57.21 3.10 30.00
N TRP A 449 -56.20 3.19 29.14
CA TRP A 449 -55.62 2.01 28.52
C TRP A 449 -54.59 1.38 29.47
N GLN A 450 -54.95 0.23 30.02
CA GLN A 450 -54.10 -0.49 30.94
C GLN A 450 -53.20 -1.45 30.16
N ARG A 451 -51.89 -1.31 30.34
CA ARG A 451 -50.91 -2.21 29.73
C ARG A 451 -50.84 -3.52 30.51
N PRO A 452 -50.48 -4.61 29.83
CA PRO A 452 -50.17 -5.87 30.52
C PRO A 452 -49.29 -5.67 31.75
N ILE A 453 -49.88 -5.78 32.94
CA ILE A 453 -49.19 -5.46 34.19
C ILE A 453 -48.46 -6.68 34.77
N LYS A 454 -48.06 -6.69 35.95
N1 URI B . 13.20 -18.05 -10.29
C2 URI B . 12.44 -17.86 -11.53
N3 URI B . 12.95 -18.57 -12.68
C4 URI B . 13.77 -19.60 -12.49
C5 URI B . 14.28 -19.82 -11.25
C6 URI B . 13.96 -19.06 -10.20
O2 URI B . 11.69 -16.67 -11.73
O4 URI B . 14.13 -20.40 -13.47
C1' URI B . 12.83 -17.29 -9.10
C2' URI B . 12.06 -18.22 -8.17
C3' URI B . 12.48 -17.81 -6.77
C4' URI B . 13.76 -17.00 -6.95
O2' URI B . 10.65 -18.13 -8.34
O3' URI B . 11.48 -17.02 -6.15
O4' URI B . 13.98 -16.84 -8.35
C5' URI B . 14.95 -17.67 -6.27
O5' URI B . 15.15 -18.98 -6.77
O1 PG4 C . -43.64 19.99 14.71
C1 PG4 C . -43.00 18.79 15.09
C2 PG4 C . -41.83 19.10 16.01
O2 PG4 C . -40.75 19.62 15.24
C3 PG4 C . -39.64 19.94 16.07
C4 PG4 C . -38.72 20.89 15.33
O3 PG4 C . -39.42 22.12 15.11
C5 PG4 C . -38.64 23.05 14.36
C6 PG4 C . -39.44 24.34 14.18
O4 PG4 C . -39.68 25.00 15.41
C7 PG4 C . -40.50 26.15 15.21
C8 PG4 C . -41.50 26.31 16.35
O5 PG4 C . -42.71 25.66 16.02
C1 PGE D . 38.08 -29.30 1.30
O1 PGE D . 38.91 -28.21 1.65
C2 PGE D . 36.88 -28.84 0.46
O2 PGE D . 36.99 -27.45 0.14
C3 PGE D . 36.09 -27.06 -0.89
C4 PGE D . 36.03 -25.54 -0.98
O4 PGE D . 39.27 -22.84 -1.74
C6 PGE D . 38.10 -23.28 -1.07
C5 PGE D . 37.05 -23.68 -2.08
O3 PGE D . 36.86 -25.09 -2.05
C1 PGE E . 12.84 -3.20 -23.21
O1 PGE E . 13.61 -2.61 -24.26
C2 PGE E . 11.82 -2.19 -22.69
O2 PGE E . 10.57 -2.44 -23.33
C3 PGE E . 9.45 -2.22 -22.47
C4 PGE E . 9.24 -0.72 -22.24
O4 PGE E . 10.72 1.03 -18.89
C6 PGE E . 9.89 1.68 -19.84
C5 PGE E . 8.84 0.74 -20.40
O3 PGE E . 9.48 -0.45 -20.86
S SO4 F . -27.31 18.05 17.99
O1 SO4 F . -25.89 17.94 17.67
O2 SO4 F . -27.59 19.40 18.45
O3 SO4 F . -27.65 17.09 19.04
O4 SO4 F . -28.11 17.77 16.79
S SO4 G . -28.54 25.68 15.23
O1 SO4 G . -27.65 25.29 14.14
O2 SO4 G . -28.65 27.13 15.30
O3 SO4 G . -28.01 25.17 16.49
O4 SO4 G . -29.87 25.12 14.99
S SO4 H . -18.62 2.55 -1.50
O1 SO4 H . -17.34 2.40 -2.19
O2 SO4 H . -19.48 3.45 -2.26
O3 SO4 H . -18.40 3.09 -0.15
O4 SO4 H . -19.26 1.24 -1.36
S SO4 I . -0.20 -21.68 -14.09
O1 SO4 I . 0.50 -21.48 -12.81
O2 SO4 I . 0.25 -20.71 -15.09
O3 SO4 I . -1.63 -21.53 -13.86
O4 SO4 I . 0.09 -23.03 -14.57
S SO4 J . 8.01 -24.72 -14.44
O1 SO4 J . 9.17 -25.37 -15.04
O2 SO4 J . 7.96 -23.32 -14.88
O3 SO4 J . 8.12 -24.75 -12.99
O4 SO4 J . 6.79 -25.40 -14.86
S SO4 K . 8.06 -21.99 -6.17
O1 SO4 K . 8.64 -21.72 -4.85
O2 SO4 K . 7.84 -20.71 -6.85
O3 SO4 K . 6.80 -22.72 -6.01
O4 SO4 K . 8.97 -22.80 -6.97
S SO4 L . 12.06 -22.17 3.19
O1 SO4 L . 13.07 -21.11 3.13
O2 SO4 L . 10.85 -21.72 2.51
O3 SO4 L . 11.76 -22.49 4.59
O4 SO4 L . 12.56 -23.37 2.52
#